data_5WJS
#
_entry.id   5WJS
#
_cell.length_a   123.030
_cell.length_b   123.030
_cell.length_c   86.680
_cell.angle_alpha   90.000
_cell.angle_beta   90.000
_cell.angle_gamma   90.000
#
_symmetry.space_group_name_H-M   'P 43 21 2'
#
loop_
_entity.id
_entity.type
_entity.pdbx_description
1 polymer 'Oxidoreductase, short chain dehydrogenase/reductase family'
2 non-polymer '1,4-DIHYDRONICOTINAMIDE ADENINE DINUCLEOTIDE'
3 non-polymer 1,2-ETHANEDIOL
4 water water
#
_entity_poly.entity_id   1
_entity_poly.type   'polypeptide(L)'
_entity_poly.pdbx_seq_one_letter_code
;MAHHHHHHMSDIASHRESNGARSAQDERYARYPSLAGRAVLITGGATGIGASFVEHFARQGARVAFVDLDEQAARALAAR
LADAAHEPVFVACDLTDIAALRGAIEAIRARIGPIAALVNNAANDVRHAIADVTPDSFDACIAVNLRHQFFAAQAVIDDM
KRLGGGSIVNLGSISWMLKNAGYPVYASAKAAVQGLTRALARELGPFGIRVNTLVPGWVMTDKQRRLWLDDAGRAAIKAG
QCIDAELLPGDLARMALFLAADDSRMITAQDVVVDGGWA
;
_entity_poly.pdbx_strand_id   A,B
#
# COMPACT_ATOMS: atom_id res chain seq x y z
N ARG A 22 18.10 -14.97 0.16
CA ARG A 22 17.81 -13.59 -0.23
C ARG A 22 16.32 -13.31 -0.20
N SER A 23 15.94 -12.20 0.43
CA SER A 23 14.53 -11.83 0.48
C SER A 23 13.94 -11.60 -0.90
N ALA A 24 14.73 -11.04 -1.84
CA ALA A 24 14.21 -10.72 -3.16
C ALA A 24 13.89 -11.95 -4.00
N GLN A 25 14.43 -13.12 -3.64
CA GLN A 25 14.11 -14.35 -4.35
C GLN A 25 13.31 -15.32 -3.50
N ASP A 26 12.80 -14.88 -2.35
CA ASP A 26 12.03 -15.76 -1.49
C ASP A 26 10.74 -16.17 -2.19
N GLU A 27 10.54 -17.49 -2.33
CA GLU A 27 9.43 -18.01 -3.10
C GLU A 27 8.07 -17.72 -2.47
N ARG A 28 8.01 -17.34 -1.19
CA ARG A 28 6.73 -17.03 -0.58
C ARG A 28 6.16 -15.69 -1.05
N TYR A 29 6.97 -14.81 -1.65
CA TYR A 29 6.51 -13.46 -1.97
C TYR A 29 5.97 -13.39 -3.41
N ALA A 30 5.32 -12.28 -3.71
CA ALA A 30 4.60 -12.12 -4.96
C ALA A 30 5.53 -11.93 -6.15
N ARG A 31 5.09 -12.43 -7.30
CA ARG A 31 5.70 -12.14 -8.60
C ARG A 31 4.75 -11.23 -9.37
N TYR A 32 5.27 -10.13 -9.92
CA TYR A 32 4.46 -9.13 -10.61
C TYR A 32 4.69 -9.22 -12.11
N PRO A 33 3.81 -9.88 -12.88
CA PRO A 33 4.13 -10.10 -14.30
C PRO A 33 4.35 -8.83 -15.08
N SER A 34 3.70 -7.74 -14.67
CA SER A 34 3.79 -6.50 -15.43
C SER A 34 5.16 -5.84 -15.28
N LEU A 35 5.97 -6.25 -14.30
CA LEU A 35 7.30 -5.69 -14.17
C LEU A 35 8.31 -6.31 -15.13
N ALA A 36 8.02 -7.50 -15.68
CA ALA A 36 8.94 -8.16 -16.60
C ALA A 36 9.20 -7.29 -17.81
N GLY A 37 10.48 -6.96 -18.03
CA GLY A 37 10.88 -6.11 -19.13
C GLY A 37 10.65 -4.63 -18.92
N ARG A 38 10.08 -4.22 -17.81
CA ARG A 38 9.78 -2.81 -17.58
C ARG A 38 11.05 -2.04 -17.21
N ALA A 39 11.22 -0.88 -17.83
CA ALA A 39 12.40 -0.04 -17.57
C ALA A 39 12.19 0.71 -16.27
N VAL A 40 13.03 0.44 -15.27
CA VAL A 40 12.90 1.01 -13.95
C VAL A 40 14.21 1.70 -13.57
N LEU A 41 14.13 2.98 -13.21
CA LEU A 41 15.28 3.78 -12.81
C LEU A 41 15.23 4.03 -11.31
N ILE A 42 16.36 3.85 -10.63
CA ILE A 42 16.44 4.00 -9.18
C ILE A 42 17.60 4.92 -8.85
N THR A 43 17.36 5.93 -8.02
CA THR A 43 18.43 6.84 -7.64
C THR A 43 18.97 6.41 -6.27
N GLY A 44 20.26 6.65 -6.08
CA GLY A 44 20.88 6.16 -4.85
C GLY A 44 20.76 4.66 -4.67
N GLY A 45 20.85 3.89 -5.76
CA GLY A 45 20.61 2.46 -5.70
C GLY A 45 21.80 1.58 -5.37
N ALA A 46 22.95 2.15 -5.00
CA ALA A 46 24.14 1.34 -4.78
C ALA A 46 24.14 0.62 -3.44
N THR A 47 23.56 1.20 -2.39
CA THR A 47 23.57 0.62 -1.06
C THR A 47 22.22 0.82 -0.39
N GLY A 48 22.10 0.33 0.85
CA GLY A 48 20.94 0.48 1.69
C GLY A 48 19.68 0.10 0.96
N ILE A 49 18.60 0.85 1.22
CA ILE A 49 17.31 0.49 0.65
C ILE A 49 17.35 0.57 -0.87
N GLY A 50 18.12 1.52 -1.41
CA GLY A 50 18.23 1.61 -2.86
C GLY A 50 18.73 0.33 -3.48
N ALA A 51 19.71 -0.31 -2.82
CA ALA A 51 20.24 -1.57 -3.33
C ALA A 51 19.19 -2.65 -3.30
N SER A 52 18.36 -2.66 -2.25
CA SER A 52 17.26 -3.61 -2.16
C SER A 52 16.23 -3.36 -3.26
N PHE A 53 15.98 -2.08 -3.59
CA PHE A 53 15.10 -1.76 -4.72
C PHE A 53 15.66 -2.34 -6.01
N VAL A 54 16.95 -2.11 -6.27
CA VAL A 54 17.59 -2.65 -7.47
C VAL A 54 17.46 -4.16 -7.50
N GLU A 55 17.78 -4.81 -6.38
CA GLU A 55 17.77 -6.27 -6.32
C GLU A 55 16.37 -6.81 -6.55
N HIS A 56 15.36 -6.22 -5.92
CA HIS A 56 14.00 -6.71 -6.08
C HIS A 56 13.51 -6.53 -7.51
N PHE A 57 13.64 -5.33 -8.06
CA PHE A 57 13.17 -5.12 -9.42
C PHE A 57 13.94 -6.00 -10.40
N ALA A 58 15.24 -6.20 -10.14
CA ALA A 58 16.01 -7.12 -11.00
C ALA A 58 15.46 -8.54 -10.92
N ARG A 59 15.14 -9.00 -9.71
CA ARG A 59 14.67 -10.38 -9.57
C ARG A 59 13.25 -10.57 -10.08
N GLN A 60 12.46 -9.49 -10.21
CA GLN A 60 11.16 -9.55 -10.86
C GLN A 60 11.27 -9.52 -12.38
N GLY A 61 12.48 -9.41 -12.93
CA GLY A 61 12.68 -9.38 -14.36
C GLY A 61 12.60 -8.01 -15.02
N ALA A 62 12.59 -6.92 -14.26
CA ALA A 62 12.60 -5.59 -14.84
C ALA A 62 13.95 -5.28 -15.48
N ARG A 63 13.97 -4.25 -16.33
CA ARG A 63 15.21 -3.71 -16.88
C ARG A 63 15.59 -2.53 -16.01
N VAL A 64 16.46 -2.79 -15.03
CA VAL A 64 16.81 -1.82 -13.99
C VAL A 64 17.98 -0.97 -14.45
N ALA A 65 17.97 0.30 -14.07
CA ALA A 65 19.16 1.12 -14.11
C ALA A 65 19.21 1.94 -12.83
N PHE A 66 20.40 2.29 -12.36
CA PHE A 66 20.47 3.11 -11.16
C PHE A 66 21.68 4.03 -11.20
N VAL A 67 21.61 5.11 -10.44
CA VAL A 67 22.71 6.06 -10.30
C VAL A 67 23.11 6.14 -8.84
N ASP A 68 24.37 6.50 -8.60
CA ASP A 68 24.92 6.64 -7.26
C ASP A 68 26.31 7.25 -7.35
N LEU A 69 26.77 7.79 -6.22
CA LEU A 69 28.16 8.21 -6.08
C LEU A 69 29.09 7.03 -5.79
N ASP A 70 28.57 6.01 -5.13
CA ASP A 70 29.37 4.92 -4.56
C ASP A 70 29.64 3.88 -5.64
N GLU A 71 30.69 4.08 -6.41
CA GLU A 71 30.94 3.24 -7.58
C GLU A 71 31.34 1.83 -7.19
N GLN A 72 32.18 1.68 -6.17
CA GLN A 72 32.60 0.34 -5.78
C GLN A 72 31.40 -0.51 -5.39
N ALA A 73 30.56 -0.01 -4.49
CA ALA A 73 29.38 -0.76 -4.09
C ALA A 73 28.44 -1.00 -5.26
N ALA A 74 28.37 -0.03 -6.18
CA ALA A 74 27.46 -0.11 -7.32
C ALA A 74 27.88 -1.21 -8.30
N ARG A 75 29.17 -1.24 -8.66
CA ARG A 75 29.67 -2.28 -9.55
CA ARG A 75 29.64 -2.29 -9.56
C ARG A 75 29.51 -3.66 -8.94
N ALA A 76 29.76 -3.77 -7.64
CA ALA A 76 29.60 -5.05 -6.96
C ALA A 76 28.13 -5.48 -6.98
N LEU A 77 27.22 -4.55 -6.72
CA LEU A 77 25.80 -4.87 -6.74
C LEU A 77 25.34 -5.33 -8.12
N ALA A 78 25.75 -4.60 -9.16
CA ALA A 78 25.37 -5.00 -10.51
C ALA A 78 25.94 -6.35 -10.88
N ALA A 79 27.24 -6.57 -10.60
CA ALA A 79 27.86 -7.84 -10.94
C ALA A 79 27.18 -8.99 -10.20
N ARG A 80 26.78 -8.74 -8.95
CA ARG A 80 26.09 -9.77 -8.17
CA ARG A 80 26.09 -9.78 -8.18
C ARG A 80 24.71 -10.08 -8.75
N LEU A 81 24.11 -9.13 -9.47
CA LEU A 81 22.82 -9.35 -10.12
C LEU A 81 22.96 -9.61 -11.62
N ALA A 82 24.16 -9.96 -12.09
CA ALA A 82 24.41 -10.20 -13.51
C ALA A 82 23.70 -11.45 -14.03
N ASP A 83 23.21 -12.32 -13.15
CA ASP A 83 22.46 -13.52 -13.53
C ASP A 83 20.96 -13.30 -13.58
N ALA A 84 20.49 -12.07 -13.34
CA ALA A 84 19.08 -11.76 -13.49
C ALA A 84 18.71 -11.75 -14.97
N ALA A 85 17.42 -11.56 -15.25
CA ALA A 85 16.99 -11.47 -16.64
C ALA A 85 17.73 -10.33 -17.35
N HIS A 86 17.94 -9.21 -16.66
CA HIS A 86 18.71 -8.11 -17.20
C HIS A 86 19.68 -7.63 -16.13
N GLU A 87 20.96 -7.61 -16.45
CA GLU A 87 21.92 -7.07 -15.50
C GLU A 87 21.63 -5.59 -15.29
N PRO A 88 21.45 -5.13 -14.05
CA PRO A 88 21.19 -3.70 -13.84
C PRO A 88 22.29 -2.84 -14.46
N VAL A 89 21.87 -1.75 -15.10
CA VAL A 89 22.79 -0.75 -15.66
C VAL A 89 23.11 0.29 -14.60
N PHE A 90 24.39 0.62 -14.46
CA PHE A 90 24.84 1.62 -13.48
C PHE A 90 25.51 2.78 -14.20
N VAL A 91 25.13 4.00 -13.85
CA VAL A 91 25.86 5.19 -14.26
C VAL A 91 26.13 6.02 -13.01
N ALA A 92 27.39 6.39 -12.81
CA ALA A 92 27.77 7.19 -11.65
C ALA A 92 27.36 8.64 -11.85
N CYS A 93 26.90 9.27 -10.77
CA CYS A 93 26.79 10.73 -10.77
C CYS A 93 26.55 11.22 -9.36
N ASP A 94 26.88 12.50 -9.14
CA ASP A 94 26.50 13.23 -7.93
C ASP A 94 25.19 13.95 -8.24
N LEU A 95 24.11 13.50 -7.64
CA LEU A 95 22.76 14.01 -7.83
CA LEU A 95 22.87 14.12 -8.06
C LEU A 95 22.58 15.43 -7.33
N THR A 96 23.53 15.99 -6.59
CA THR A 96 23.38 17.41 -6.26
C THR A 96 23.76 18.31 -7.44
N ASP A 97 24.33 17.72 -8.50
CA ASP A 97 24.68 18.42 -9.73
C ASP A 97 23.63 18.03 -10.77
N ILE A 98 22.71 18.96 -11.06
CA ILE A 98 21.55 18.60 -11.86
C ILE A 98 21.95 18.28 -13.30
N ALA A 99 22.93 18.99 -13.84
CA ALA A 99 23.44 18.65 -15.17
C ALA A 99 24.01 17.23 -15.20
N ALA A 100 24.77 16.84 -14.18
CA ALA A 100 25.27 15.46 -14.15
C ALA A 100 24.12 14.47 -14.02
N LEU A 101 23.11 14.79 -13.21
CA LEU A 101 21.97 13.90 -13.04
C LEU A 101 21.23 13.68 -14.36
N ARG A 102 20.97 14.77 -15.10
CA ARG A 102 20.27 14.65 -16.39
C ARG A 102 21.11 13.85 -17.38
N GLY A 103 22.42 14.10 -17.42
CA GLY A 103 23.27 13.35 -18.32
C GLY A 103 23.31 11.88 -18.00
N ALA A 104 23.31 11.55 -16.70
CA ALA A 104 23.26 10.14 -16.31
C ALA A 104 21.95 9.50 -16.75
N ILE A 105 20.83 10.20 -16.56
CA ILE A 105 19.54 9.68 -17.00
C ILE A 105 19.50 9.51 -18.51
N GLU A 106 20.14 10.43 -19.25
CA GLU A 106 20.11 10.27 -20.71
C GLU A 106 20.98 9.10 -21.14
N ALA A 107 22.15 8.93 -20.51
CA ALA A 107 22.95 7.75 -20.77
C ALA A 107 22.17 6.49 -20.50
N ILE A 108 21.33 6.52 -19.47
CA ILE A 108 20.55 5.36 -19.11
C ILE A 108 19.44 5.12 -20.13
N ARG A 109 18.74 6.18 -20.53
CA ARG A 109 17.70 6.04 -21.55
C ARG A 109 18.27 5.47 -22.84
N ALA A 110 19.48 5.91 -23.22
CA ALA A 110 20.07 5.42 -24.45
C ALA A 110 20.33 3.92 -24.39
N ARG A 111 20.34 3.34 -23.19
CA ARG A 111 20.61 1.92 -23.04
C ARG A 111 19.36 1.09 -22.76
N ILE A 112 18.38 1.62 -22.03
CA ILE A 112 17.19 0.86 -21.71
C ILE A 112 15.91 1.48 -22.24
N GLY A 113 15.99 2.58 -22.98
CA GLY A 113 14.82 3.17 -23.58
C GLY A 113 14.01 4.03 -22.63
N PRO A 114 12.75 4.31 -22.99
CA PRO A 114 11.91 5.18 -22.16
C PRO A 114 11.68 4.61 -20.77
N ILE A 115 11.73 5.49 -19.77
CA ILE A 115 11.59 5.09 -18.38
C ILE A 115 10.11 4.91 -18.05
N ALA A 116 9.75 3.71 -17.57
CA ALA A 116 8.37 3.44 -17.16
C ALA A 116 8.13 3.69 -15.67
N ALA A 117 9.15 3.52 -14.83
CA ALA A 117 9.02 3.71 -13.39
C ALA A 117 10.29 4.33 -12.83
N LEU A 118 10.12 5.26 -11.88
CA LEU A 118 11.22 5.97 -11.24
C LEU A 118 11.09 5.85 -9.73
N VAL A 119 12.15 5.42 -9.06
CA VAL A 119 12.20 5.41 -7.60
C VAL A 119 13.24 6.43 -7.17
N ASN A 120 12.76 7.54 -6.60
CA ASN A 120 13.61 8.65 -6.15
C ASN A 120 14.05 8.35 -4.73
N ASN A 121 15.21 7.71 -4.57
CA ASN A 121 15.59 7.15 -3.28
C ASN A 121 16.75 7.86 -2.59
N ALA A 122 17.67 8.48 -3.32
CA ALA A 122 18.90 8.99 -2.71
C ALA A 122 18.60 10.07 -1.69
N ALA A 123 19.41 10.08 -0.63
CA ALA A 123 19.23 10.97 0.51
C ALA A 123 20.51 10.97 1.32
N ASN A 124 20.59 11.93 2.24
CA ASN A 124 21.70 12.02 3.19
C ASN A 124 21.17 12.66 4.46
N ASP A 125 21.10 11.88 5.54
CA ASP A 125 20.50 12.32 6.79
C ASP A 125 21.52 12.81 7.82
N VAL A 126 22.65 13.36 7.37
CA VAL A 126 23.70 13.76 8.32
C VAL A 126 23.17 14.78 9.31
N ARG A 127 23.49 14.58 10.60
CA ARG A 127 22.95 15.40 11.67
C ARG A 127 23.56 16.80 11.64
N HIS A 128 22.79 17.78 12.13
CA HIS A 128 23.29 19.14 12.13
C HIS A 128 22.56 19.96 13.19
N ALA A 129 23.32 20.67 14.00
CA ALA A 129 22.73 21.58 14.97
C ALA A 129 22.10 22.76 14.25
N ILE A 130 20.94 23.20 14.75
CA ILE A 130 20.28 24.38 14.23
C ILE A 130 21.27 25.52 14.03
N ALA A 131 22.11 25.77 15.04
CA ALA A 131 22.98 26.95 15.02
C ALA A 131 24.14 26.83 14.05
N ASP A 132 24.43 25.63 13.53
CA ASP A 132 25.56 25.45 12.64
C ASP A 132 25.17 25.48 11.16
N VAL A 133 23.88 25.50 10.83
CA VAL A 133 23.46 25.53 9.44
C VAL A 133 23.85 26.86 8.83
N THR A 134 24.51 26.81 7.68
CA THR A 134 24.84 27.98 6.87
C THR A 134 23.97 27.99 5.62
N PRO A 135 23.92 29.10 4.89
CA PRO A 135 23.19 29.10 3.61
C PRO A 135 23.62 27.95 2.70
N ASP A 136 24.94 27.72 2.59
CA ASP A 136 25.46 26.65 1.73
C ASP A 136 25.10 25.28 2.27
N SER A 137 25.22 25.07 3.58
CA SER A 137 24.89 23.76 4.15
C SER A 137 23.39 23.50 4.07
N PHE A 138 22.58 24.54 4.24
CA PHE A 138 21.15 24.41 3.98
C PHE A 138 20.91 23.98 2.53
N ASP A 139 21.53 24.66 1.57
CA ASP A 139 21.30 24.35 0.16
C ASP A 139 21.74 22.93 -0.19
N ALA A 140 22.88 22.49 0.37
CA ALA A 140 23.36 21.15 0.08
C ALA A 140 22.43 20.10 0.64
N CYS A 141 21.88 20.34 1.85
CA CYS A 141 20.89 19.42 2.41
C CYS A 141 19.69 19.29 1.48
N ILE A 142 19.16 20.42 1.01
CA ILE A 142 18.05 20.39 0.06
C ILE A 142 18.46 19.71 -1.24
N ALA A 143 19.69 19.94 -1.70
CA ALA A 143 20.11 19.38 -2.97
C ALA A 143 20.13 17.84 -2.92
N VAL A 144 20.68 17.26 -1.86
CA VAL A 144 20.81 15.81 -1.78
C VAL A 144 19.53 15.13 -1.28
N ASN A 145 18.59 15.85 -0.69
CA ASN A 145 17.42 15.22 -0.10
C ASN A 145 16.12 15.53 -0.80
N LEU A 146 16.01 16.67 -1.51
CA LEU A 146 14.74 16.98 -2.15
C LEU A 146 14.90 17.31 -3.64
N ARG A 147 15.85 18.20 -3.96
CA ARG A 147 15.91 18.79 -5.29
C ARG A 147 16.02 17.74 -6.39
N HIS A 148 16.89 16.73 -6.22
CA HIS A 148 17.06 15.73 -7.27
C HIS A 148 15.78 14.94 -7.52
N GLN A 149 14.88 14.86 -6.53
CA GLN A 149 13.61 14.18 -6.77
C GLN A 149 12.78 14.92 -7.82
N PHE A 150 12.74 16.25 -7.73
CA PHE A 150 12.00 17.02 -8.72
C PHE A 150 12.61 16.81 -10.11
N PHE A 151 13.93 16.91 -10.22
CA PHE A 151 14.54 16.94 -11.55
C PHE A 151 14.62 15.56 -12.18
N ALA A 152 14.78 14.49 -11.39
CA ALA A 152 14.66 13.16 -11.98
C ALA A 152 13.24 12.91 -12.49
N ALA A 153 12.23 13.34 -11.73
CA ALA A 153 10.85 13.30 -12.22
C ALA A 153 10.69 14.12 -13.51
N GLN A 154 11.24 15.33 -13.52
CA GLN A 154 11.12 16.18 -14.70
C GLN A 154 11.68 15.49 -15.94
N ALA A 155 12.73 14.68 -15.75
CA ALA A 155 13.44 14.08 -16.87
C ALA A 155 12.79 12.79 -17.38
N VAL A 156 11.79 12.24 -16.68
CA VAL A 156 11.15 11.00 -17.14
C VAL A 156 9.70 11.20 -17.53
N ILE A 157 9.14 12.41 -17.36
CA ILE A 157 7.71 12.61 -17.57
C ILE A 157 7.33 12.36 -19.03
N ASP A 158 8.12 12.86 -19.98
CA ASP A 158 7.75 12.70 -21.39
C ASP A 158 7.76 11.23 -21.79
N ASP A 159 8.77 10.47 -21.34
CA ASP A 159 8.76 9.01 -21.49
C ASP A 159 7.43 8.41 -21.03
N MET A 160 6.98 8.78 -19.83
CA MET A 160 5.81 8.15 -19.27
C MET A 160 4.55 8.56 -20.02
N LYS A 161 4.47 9.84 -20.40
CA LYS A 161 3.41 10.29 -21.29
C LYS A 161 3.36 9.42 -22.54
N ARG A 162 4.51 9.29 -23.23
CA ARG A 162 4.52 8.52 -24.48
C ARG A 162 4.19 7.05 -24.25
N LEU A 163 4.59 6.48 -23.12
CA LEU A 163 4.20 5.11 -22.81
C LEU A 163 2.73 4.97 -22.46
N GLY A 164 2.01 6.07 -22.23
CA GLY A 164 0.64 6.00 -21.78
C GLY A 164 0.47 5.92 -20.27
N GLY A 165 1.53 6.11 -19.49
CA GLY A 165 1.43 6.09 -18.05
C GLY A 165 2.75 5.69 -17.42
N GLY A 166 2.76 5.63 -16.10
CA GLY A 166 3.96 5.29 -15.37
C GLY A 166 3.75 5.50 -13.89
N SER A 167 4.82 5.27 -13.14
CA SER A 167 4.77 5.35 -11.69
C SER A 167 6.04 6.00 -11.16
N ILE A 168 5.87 7.00 -10.31
CA ILE A 168 7.00 7.70 -9.69
C ILE A 168 6.87 7.49 -8.18
N VAL A 169 7.91 6.93 -7.57
CA VAL A 169 7.90 6.63 -6.14
C VAL A 169 8.95 7.53 -5.50
N ASN A 170 8.49 8.44 -4.64
CA ASN A 170 9.36 9.37 -3.95
C ASN A 170 9.59 8.88 -2.52
N LEU A 171 10.84 8.84 -2.08
CA LEU A 171 11.14 8.35 -0.74
C LEU A 171 10.96 9.49 0.27
N GLY A 172 10.04 9.30 1.20
CA GLY A 172 9.85 10.19 2.33
C GLY A 172 10.60 9.71 3.55
N SER A 173 10.07 10.05 4.73
CA SER A 173 10.68 9.67 6.00
C SER A 173 9.67 9.86 7.14
N ILE A 174 9.68 8.94 8.12
CA ILE A 174 8.88 9.17 9.33
C ILE A 174 9.57 10.11 10.31
N SER A 175 10.82 10.51 10.04
CA SER A 175 11.58 11.34 10.98
C SER A 175 10.84 12.62 11.35
N TRP A 176 10.32 13.34 10.36
CA TRP A 176 9.60 14.57 10.65
C TRP A 176 8.23 14.29 11.25
N MET A 177 7.64 13.13 10.96
CA MET A 177 6.38 12.75 11.59
C MET A 177 6.56 12.50 13.09
N LEU A 178 7.68 11.89 13.49
CA LEU A 178 7.98 11.72 14.91
C LEU A 178 8.51 13.00 15.56
N LYS A 179 8.75 14.05 14.78
CA LYS A 179 9.34 15.29 15.28
C LYS A 179 10.73 15.02 15.87
N ASN A 180 11.54 14.28 15.11
CA ASN A 180 12.91 14.00 15.55
C ASN A 180 13.73 15.27 15.56
N ALA A 181 14.48 15.48 16.63
CA ALA A 181 15.52 16.50 16.66
C ALA A 181 16.77 15.98 15.95
N GLY A 182 17.73 16.85 15.73
CA GLY A 182 19.04 16.47 15.23
C GLY A 182 19.32 16.81 13.78
N TYR A 183 18.31 17.11 12.98
CA TYR A 183 18.56 17.42 11.57
C TYR A 183 17.39 18.20 10.98
N PRO A 184 17.19 19.44 11.38
CA PRO A 184 15.96 20.16 10.99
C PRO A 184 15.84 20.37 9.49
N VAL A 185 16.92 20.62 8.76
CA VAL A 185 16.77 20.84 7.33
C VAL A 185 16.45 19.52 6.64
N TYR A 186 16.99 18.41 7.12
CA TYR A 186 16.60 17.10 6.58
C TYR A 186 15.11 16.85 6.80
N ALA A 187 14.61 17.13 8.01
CA ALA A 187 13.18 16.97 8.28
C ALA A 187 12.36 17.84 7.35
N SER A 188 12.80 19.07 7.11
CA SER A 188 12.09 19.94 6.17
C SER A 188 12.09 19.32 4.77
N ALA A 189 13.25 18.83 4.33
CA ALA A 189 13.36 18.27 2.99
C ALA A 189 12.45 17.07 2.81
N LYS A 190 12.34 16.23 3.84
CA LYS A 190 11.55 15.02 3.74
C LYS A 190 10.05 15.31 3.80
N ALA A 191 9.65 16.26 4.66
CA ALA A 191 8.26 16.74 4.61
C ALA A 191 7.94 17.40 3.27
N ALA A 192 8.92 18.04 2.64
CA ALA A 192 8.67 18.69 1.37
C ALA A 192 8.22 17.70 0.31
N VAL A 193 8.64 16.43 0.44
CA VAL A 193 8.29 15.41 -0.55
C VAL A 193 6.77 15.23 -0.64
N GLN A 194 6.04 15.49 0.44
CA GLN A 194 4.58 15.43 0.39
C GLN A 194 4.01 16.39 -0.65
N GLY A 195 4.41 17.67 -0.57
CA GLY A 195 3.90 18.63 -1.54
C GLY A 195 4.33 18.30 -2.95
N LEU A 196 5.59 17.87 -3.11
CA LEU A 196 6.08 17.44 -4.42
C LEU A 196 5.21 16.32 -4.99
N THR A 197 4.96 15.29 -4.18
CA THR A 197 4.19 14.13 -4.65
C THR A 197 2.77 14.55 -5.03
N ARG A 198 2.13 15.34 -4.18
CA ARG A 198 0.73 15.69 -4.41
C ARG A 198 0.59 16.64 -5.60
N ALA A 199 1.55 17.56 -5.77
CA ALA A 199 1.50 18.47 -6.90
C ALA A 199 1.71 17.73 -8.21
N LEU A 200 2.73 16.88 -8.29
CA LEU A 200 2.94 16.10 -9.49
C LEU A 200 1.77 15.16 -9.77
N ALA A 201 1.24 14.51 -8.73
CA ALA A 201 0.13 13.59 -8.92
C ALA A 201 -1.03 14.28 -9.62
N ARG A 202 -1.33 15.52 -9.23
CA ARG A 202 -2.44 16.24 -9.84
C ARG A 202 -2.13 16.58 -11.29
N GLU A 203 -0.92 17.06 -11.56
CA GLU A 203 -0.55 17.45 -12.92
C GLU A 203 -0.35 16.24 -13.84
N LEU A 204 0.13 15.11 -13.32
CA LEU A 204 0.51 14.02 -14.20
C LEU A 204 -0.55 12.93 -14.30
N GLY A 205 -1.51 12.91 -13.38
CA GLY A 205 -2.61 11.96 -13.44
C GLY A 205 -3.39 11.94 -14.74
N PRO A 206 -3.64 13.09 -15.39
CA PRO A 206 -4.30 13.03 -16.71
C PRO A 206 -3.54 12.19 -17.73
N PHE A 207 -2.26 11.90 -17.49
CA PHE A 207 -1.46 11.11 -18.40
C PHE A 207 -1.24 9.69 -17.91
N GLY A 208 -2.01 9.25 -16.91
CA GLY A 208 -1.82 7.92 -16.38
C GLY A 208 -0.57 7.74 -15.54
N ILE A 209 0.04 8.83 -15.11
CA ILE A 209 1.24 8.79 -14.27
C ILE A 209 0.83 8.89 -12.81
N ARG A 210 1.11 7.84 -12.03
CA ARG A 210 0.92 7.91 -10.59
C ARG A 210 2.19 8.45 -9.91
N VAL A 211 1.98 9.19 -8.83
CA VAL A 211 3.07 9.71 -8.02
C VAL A 211 2.70 9.45 -6.56
N ASN A 212 3.58 8.76 -5.84
CA ASN A 212 3.34 8.39 -4.45
C ASN A 212 4.60 8.64 -3.64
N THR A 213 4.42 8.91 -2.35
CA THR A 213 5.51 8.95 -1.40
C THR A 213 5.56 7.62 -0.66
N LEU A 214 6.72 7.00 -0.68
CA LEU A 214 6.96 5.77 0.07
C LEU A 214 7.72 6.17 1.32
N VAL A 215 7.14 5.88 2.49
CA VAL A 215 7.68 6.38 3.76
C VAL A 215 8.20 5.21 4.60
N PRO A 216 9.51 5.01 4.69
CA PRO A 216 10.03 3.94 5.54
C PRO A 216 10.08 4.35 7.01
N GLY A 217 9.98 3.34 7.88
CA GLY A 217 10.36 3.50 9.27
C GLY A 217 11.86 3.38 9.43
N TRP A 218 12.29 3.00 10.62
CA TRP A 218 13.72 2.81 10.87
C TRP A 218 14.13 1.47 10.28
N VAL A 219 14.70 1.48 9.09
CA VAL A 219 15.03 0.27 8.35
C VAL A 219 16.44 -0.17 8.73
N MET A 220 16.60 -1.45 9.04
CA MET A 220 17.91 -1.98 9.40
C MET A 220 18.70 -2.26 8.13
N THR A 221 19.21 -1.19 7.53
CA THR A 221 20.25 -1.29 6.52
C THR A 221 21.59 -1.58 7.20
N ASP A 222 22.59 -1.94 6.40
CA ASP A 222 23.93 -2.14 6.93
C ASP A 222 24.43 -0.89 7.63
N LYS A 223 24.23 0.28 7.00
CA LYS A 223 24.71 1.54 7.56
C LYS A 223 24.02 1.86 8.89
N GLN A 224 22.74 1.51 9.00
CA GLN A 224 22.02 1.82 10.24
C GLN A 224 22.50 0.96 11.39
N ARG A 225 22.76 -0.33 11.15
CA ARG A 225 23.31 -1.17 12.20
C ARG A 225 24.68 -0.68 12.64
N ARG A 226 25.58 -0.43 11.69
CA ARG A 226 26.96 -0.12 12.03
C ARG A 226 27.10 1.26 12.66
N LEU A 227 26.22 2.20 12.33
CA LEU A 227 26.39 3.59 12.75
C LEU A 227 25.37 4.08 13.77
N TRP A 228 24.15 3.54 13.80
CA TRP A 228 23.08 4.19 14.57
C TRP A 228 22.30 3.30 15.54
N LEU A 229 22.43 1.98 15.46
CA LEU A 229 21.64 1.06 16.29
C LEU A 229 22.42 0.65 17.52
N ASP A 230 21.96 1.09 18.69
CA ASP A 230 22.54 0.67 19.96
C ASP A 230 21.40 0.19 20.87
N ASP A 231 21.67 0.11 22.17
CA ASP A 231 20.60 -0.28 23.10
C ASP A 231 19.49 0.77 23.14
N ALA A 232 19.86 2.05 23.13
CA ALA A 232 18.86 3.12 23.08
C ALA A 232 17.95 2.98 21.88
N GLY A 233 18.53 2.90 20.68
CA GLY A 233 17.73 2.73 19.48
C GLY A 233 16.81 1.52 19.55
N ARG A 234 17.34 0.39 20.00
CA ARG A 234 16.53 -0.83 20.09
C ARG A 234 15.32 -0.61 21.00
N ALA A 235 15.51 0.09 22.12
CA ALA A 235 14.40 0.37 23.04
C ALA A 235 13.36 1.28 22.39
N ALA A 236 13.80 2.29 21.64
CA ALA A 236 12.84 3.20 21.01
C ALA A 236 12.04 2.48 19.94
N ILE A 237 12.72 1.61 19.17
CA ILE A 237 12.05 0.84 18.12
C ILE A 237 10.95 -0.02 18.72
N LYS A 238 11.27 -0.72 19.82
CA LYS A 238 10.31 -1.64 20.43
C LYS A 238 9.11 -0.90 21.02
N ALA A 239 9.36 0.20 21.72
CA ALA A 239 8.25 0.98 22.25
C ALA A 239 7.46 1.67 21.14
N GLY A 240 8.12 2.06 20.05
CA GLY A 240 7.46 2.80 19.00
C GLY A 240 6.66 1.96 18.03
N GLN A 241 7.31 0.95 17.43
CA GLN A 241 6.61 0.07 16.50
C GLN A 241 5.54 -0.74 17.21
N CYS A 242 4.43 -0.98 16.50
CA CYS A 242 3.42 -1.91 16.99
C CYS A 242 3.93 -3.35 16.92
N ILE A 243 4.74 -3.68 15.93
CA ILE A 243 5.27 -5.02 15.75
C ILE A 243 6.71 -5.03 16.21
N ASP A 244 7.02 -5.91 17.17
CA ASP A 244 8.34 -6.02 17.77
C ASP A 244 9.22 -6.92 16.92
N ALA A 245 9.59 -6.41 15.74
CA ALA A 245 10.47 -7.11 14.82
C ALA A 245 11.23 -6.06 14.01
N GLU A 246 12.31 -6.49 13.38
CA GLU A 246 13.15 -5.58 12.62
C GLU A 246 12.50 -5.24 11.28
N LEU A 247 12.41 -3.95 10.99
CA LEU A 247 12.06 -3.50 9.65
C LEU A 247 13.27 -3.67 8.75
N LEU A 248 13.09 -4.38 7.64
CA LEU A 248 14.16 -4.72 6.72
C LEU A 248 14.00 -4.00 5.39
N PRO A 249 15.08 -3.84 4.62
CA PRO A 249 14.96 -3.20 3.29
C PRO A 249 13.91 -3.87 2.41
N GLY A 250 13.81 -5.20 2.44
CA GLY A 250 12.86 -5.90 1.61
C GLY A 250 11.41 -5.54 1.90
N ASP A 251 11.10 -5.16 3.14
CA ASP A 251 9.75 -4.69 3.45
C ASP A 251 9.40 -3.49 2.61
N LEU A 252 10.35 -2.57 2.45
CA LEU A 252 10.13 -1.39 1.63
C LEU A 252 10.14 -1.73 0.15
N ALA A 253 11.05 -2.63 -0.26
CA ALA A 253 11.19 -2.96 -1.67
C ALA A 253 9.92 -3.62 -2.22
N ARG A 254 9.32 -4.54 -1.46
CA ARG A 254 8.10 -5.18 -1.93
C ARG A 254 6.98 -4.17 -2.13
N MET A 255 6.89 -3.16 -1.25
CA MET A 255 5.88 -2.12 -1.45
C MET A 255 6.15 -1.32 -2.71
N ALA A 256 7.43 -1.04 -2.99
CA ALA A 256 7.78 -0.32 -4.21
C ALA A 256 7.44 -1.13 -5.45
N LEU A 257 7.65 -2.46 -5.40
CA LEU A 257 7.27 -3.33 -6.52
C LEU A 257 5.79 -3.17 -6.83
N PHE A 258 4.94 -3.27 -5.82
CA PHE A 258 3.50 -3.12 -5.99
C PHE A 258 3.16 -1.74 -6.55
N LEU A 259 3.79 -0.69 -6.04
CA LEU A 259 3.47 0.67 -6.48
C LEU A 259 3.88 0.90 -7.93
N ALA A 260 4.88 0.17 -8.41
CA ALA A 260 5.35 0.35 -9.77
C ALA A 260 4.68 -0.59 -10.74
N ALA A 261 4.13 -1.69 -10.24
CA ALA A 261 3.45 -2.67 -11.08
C ALA A 261 2.06 -2.17 -11.47
N ASP A 262 1.48 -2.78 -12.51
CA ASP A 262 0.12 -2.46 -12.92
C ASP A 262 -0.90 -2.60 -11.79
N ASP A 263 -0.60 -3.43 -10.78
CA ASP A 263 -1.55 -3.71 -9.71
C ASP A 263 -2.00 -2.46 -8.94
N SER A 264 -1.24 -1.37 -9.02
CA SER A 264 -1.51 -0.16 -8.25
C SER A 264 -1.94 1.02 -9.13
N ARG A 265 -2.60 0.72 -10.27
CA ARG A 265 -2.94 1.70 -11.30
C ARG A 265 -3.73 2.91 -10.77
N MET A 266 -4.54 2.74 -9.72
CA MET A 266 -5.34 3.86 -9.20
C MET A 266 -4.86 4.39 -7.86
N ILE A 267 -3.70 3.96 -7.39
CA ILE A 267 -3.10 4.53 -6.18
C ILE A 267 -2.17 5.65 -6.59
N THR A 268 -2.50 6.88 -6.18
CA THR A 268 -1.66 8.02 -6.47
C THR A 268 -1.88 9.09 -5.39
N ALA A 269 -0.89 9.96 -5.24
CA ALA A 269 -0.90 11.05 -4.26
C ALA A 269 -0.89 10.56 -2.82
N GLN A 270 -0.44 9.33 -2.55
CA GLN A 270 -0.49 8.77 -1.22
C GLN A 270 0.85 8.88 -0.48
N ASP A 271 0.76 8.81 0.84
CA ASP A 271 1.91 8.62 1.74
C ASP A 271 1.82 7.17 2.19
N VAL A 272 2.59 6.32 1.54
CA VAL A 272 2.53 4.88 1.76
C VAL A 272 3.56 4.53 2.82
N VAL A 273 3.11 4.22 4.03
CA VAL A 273 4.00 4.08 5.18
C VAL A 273 4.22 2.61 5.48
N VAL A 274 5.49 2.24 5.58
CA VAL A 274 5.91 0.86 5.87
C VAL A 274 6.87 0.97 7.04
N ASP A 275 6.35 0.83 8.28
CA ASP A 275 7.15 1.21 9.44
C ASP A 275 6.83 0.42 10.70
N GLY A 276 6.13 -0.71 10.60
CA GLY A 276 5.79 -1.47 11.77
C GLY A 276 4.83 -0.80 12.73
N GLY A 277 4.15 0.26 12.29
CA GLY A 277 3.15 0.92 13.11
C GLY A 277 3.67 2.02 14.00
N TRP A 278 4.86 2.56 13.73
CA TRP A 278 5.48 3.54 14.61
C TRP A 278 4.83 4.91 14.45
N ALA A 279 4.95 5.51 13.27
CA ALA A 279 4.59 6.90 13.07
C ALA A 279 3.09 7.14 13.13
N ARG B 22 -11.94 -12.07 -16.56
CA ARG B 22 -12.30 -11.28 -15.39
C ARG B 22 -11.06 -10.72 -14.68
N SER B 23 -11.23 -9.61 -13.96
CA SER B 23 -10.10 -8.90 -13.38
C SER B 23 -9.35 -9.75 -12.36
N ALA B 24 -10.06 -10.59 -11.61
CA ALA B 24 -9.41 -11.47 -10.63
C ALA B 24 -8.60 -12.59 -11.29
N GLN B 25 -8.75 -12.81 -12.60
CA GLN B 25 -7.98 -13.80 -13.33
C GLN B 25 -7.09 -13.16 -14.41
N ASP B 26 -6.93 -11.84 -14.38
CA ASP B 26 -6.10 -11.17 -15.37
C ASP B 26 -4.63 -11.52 -15.13
N GLU B 27 -3.97 -12.03 -16.18
CA GLU B 27 -2.60 -12.50 -16.06
C GLU B 27 -1.59 -11.38 -15.85
N ARG B 28 -1.99 -10.12 -16.03
CA ARG B 28 -1.05 -9.03 -15.81
C ARG B 28 -0.79 -8.76 -14.33
N TYR B 29 -1.64 -9.25 -13.44
CA TYR B 29 -1.58 -8.88 -12.02
C TYR B 29 -0.87 -9.94 -11.19
N ALA B 30 -0.45 -9.54 -10.00
CA ALA B 30 0.40 -10.37 -9.16
C ALA B 30 -0.29 -11.66 -8.73
N ARG B 31 0.52 -12.67 -8.43
CA ARG B 31 0.08 -13.86 -7.74
C ARG B 31 0.84 -13.94 -6.42
N TYR B 32 0.13 -14.27 -5.35
CA TYR B 32 0.69 -14.22 -4.00
C TYR B 32 0.79 -15.63 -3.44
N PRO B 33 1.95 -16.26 -3.47
CA PRO B 33 2.02 -17.69 -3.12
C PRO B 33 1.55 -17.95 -1.70
N SER B 34 1.78 -17.02 -0.78
CA SER B 34 1.39 -17.18 0.61
C SER B 34 -0.12 -17.18 0.82
N LEU B 35 -0.91 -16.77 -0.16
CA LEU B 35 -2.36 -16.86 0.01
C LEU B 35 -2.91 -18.25 -0.28
N ALA B 36 -2.16 -19.11 -0.97
CA ALA B 36 -2.68 -20.41 -1.39
C ALA B 36 -3.00 -21.26 -0.16
N GLY B 37 -4.23 -21.73 -0.06
CA GLY B 37 -4.68 -22.46 1.11
C GLY B 37 -4.93 -21.63 2.35
N ARG B 38 -4.66 -20.33 2.31
CA ARG B 38 -4.81 -19.50 3.50
C ARG B 38 -6.29 -19.27 3.83
N ALA B 39 -6.65 -19.43 5.11
CA ALA B 39 -8.05 -19.27 5.53
C ALA B 39 -8.39 -17.80 5.68
N VAL B 40 -9.38 -17.35 4.90
CA VAL B 40 -9.72 -15.93 4.78
C VAL B 40 -11.23 -15.73 4.95
N LEU B 41 -11.60 -14.84 5.86
CA LEU B 41 -12.99 -14.55 6.17
C LEU B 41 -13.32 -13.12 5.74
N ILE B 42 -14.39 -12.97 4.97
CA ILE B 42 -14.80 -11.68 4.42
C ILE B 42 -16.25 -11.41 4.83
N THR B 43 -16.50 -10.26 5.43
CA THR B 43 -17.89 -9.91 5.77
C THR B 43 -18.50 -9.03 4.68
N GLY B 44 -19.82 -9.15 4.52
CA GLY B 44 -20.49 -8.51 3.41
C GLY B 44 -19.98 -8.96 2.05
N GLY B 45 -19.66 -10.25 1.92
CA GLY B 45 -19.01 -10.74 0.72
C GLY B 45 -19.88 -11.04 -0.47
N ALA B 46 -21.21 -10.90 -0.36
CA ALA B 46 -22.11 -11.37 -1.42
C ALA B 46 -22.10 -10.50 -2.66
N THR B 47 -21.94 -9.18 -2.51
CA THR B 47 -22.01 -8.24 -3.63
C THR B 47 -20.97 -7.14 -3.46
N GLY B 48 -20.89 -6.26 -4.45
CA GLY B 48 -20.06 -5.06 -4.39
C GLY B 48 -18.60 -5.41 -4.20
N ILE B 49 -17.89 -4.57 -3.44
CA ILE B 49 -16.46 -4.80 -3.24
C ILE B 49 -16.24 -6.10 -2.50
N GLY B 50 -17.10 -6.42 -1.54
CA GLY B 50 -16.98 -7.69 -0.84
C GLY B 50 -16.94 -8.87 -1.80
N ALA B 51 -17.83 -8.87 -2.79
CA ALA B 51 -17.80 -9.93 -3.80
C ALA B 51 -16.48 -9.95 -4.55
N SER B 52 -15.92 -8.77 -4.84
CA SER B 52 -14.61 -8.70 -5.49
C SER B 52 -13.51 -9.25 -4.59
N PHE B 53 -13.61 -9.01 -3.28
CA PHE B 53 -12.66 -9.64 -2.36
C PHE B 53 -12.78 -11.16 -2.41
N VAL B 54 -14.01 -11.67 -2.34
CA VAL B 54 -14.23 -13.11 -2.37
C VAL B 54 -13.62 -13.72 -3.64
N GLU B 55 -13.90 -13.10 -4.79
CA GLU B 55 -13.43 -13.63 -6.06
C GLU B 55 -11.91 -13.59 -6.15
N HIS B 56 -11.31 -12.44 -5.82
CA HIS B 56 -9.85 -12.32 -5.88
C HIS B 56 -9.17 -13.33 -4.97
N PHE B 57 -9.59 -13.41 -3.70
CA PHE B 57 -8.92 -14.34 -2.79
C PHE B 57 -9.09 -15.78 -3.25
N ALA B 58 -10.29 -16.14 -3.76
CA ALA B 58 -10.50 -17.49 -4.25
C ALA B 58 -9.59 -17.80 -5.43
N ARG B 59 -9.45 -16.85 -6.36
CA ARG B 59 -8.59 -17.07 -7.52
C ARG B 59 -7.11 -17.07 -7.15
N GLN B 60 -6.74 -16.55 -5.97
CA GLN B 60 -5.37 -16.69 -5.49
C GLN B 60 -5.12 -18.04 -4.84
N GLY B 61 -6.13 -18.89 -4.71
CA GLY B 61 -5.98 -20.17 -4.06
C GLY B 61 -6.31 -20.18 -2.58
N ALA B 62 -6.87 -19.09 -2.06
CA ALA B 62 -7.18 -19.07 -0.63
C ALA B 62 -8.42 -19.92 -0.35
N ARG B 63 -8.56 -20.26 0.92
CA ARG B 63 -9.75 -20.97 1.42
C ARG B 63 -10.68 -19.90 1.98
N VAL B 64 -11.60 -19.43 1.15
CA VAL B 64 -12.44 -18.28 1.47
C VAL B 64 -13.71 -18.74 2.18
N ALA B 65 -14.18 -17.92 3.12
CA ALA B 65 -15.56 -17.98 3.61
C ALA B 65 -16.07 -16.55 3.73
N PHE B 66 -17.37 -16.37 3.57
CA PHE B 66 -17.94 -15.04 3.72
C PHE B 66 -19.33 -15.11 4.32
N VAL B 67 -19.73 -14.01 4.94
CA VAL B 67 -21.05 -13.87 5.52
C VAL B 67 -21.74 -12.68 4.87
N ASP B 68 -23.06 -12.71 4.87
CA ASP B 68 -23.86 -11.68 4.22
C ASP B 68 -25.31 -12.01 4.49
N LEU B 69 -26.18 -11.02 4.31
CA LEU B 69 -27.62 -11.23 4.35
C LEU B 69 -28.20 -11.60 3.00
N ASP B 70 -27.51 -11.28 1.91
CA ASP B 70 -28.05 -11.48 0.56
C ASP B 70 -27.71 -12.90 0.12
N GLU B 71 -28.66 -13.81 0.34
CA GLU B 71 -28.39 -15.23 0.11
C GLU B 71 -28.37 -15.58 -1.37
N GLN B 72 -29.26 -14.99 -2.18
CA GLN B 72 -29.28 -15.36 -3.59
C GLN B 72 -27.99 -14.93 -4.28
N ALA B 73 -27.58 -13.68 -4.07
CA ALA B 73 -26.31 -13.22 -4.61
C ALA B 73 -25.15 -14.04 -4.08
N ALA B 74 -25.23 -14.46 -2.82
CA ALA B 74 -24.12 -15.19 -2.23
C ALA B 74 -23.99 -16.58 -2.83
N ARG B 75 -25.11 -17.28 -2.99
CA ARG B 75 -25.08 -18.62 -3.58
CA ARG B 75 -25.07 -18.62 -3.58
C ARG B 75 -24.58 -18.58 -5.01
N ALA B 76 -24.96 -17.55 -5.77
CA ALA B 76 -24.51 -17.46 -7.16
C ALA B 76 -23.03 -17.12 -7.24
N LEU B 77 -22.56 -16.25 -6.35
CA LEU B 77 -21.13 -15.95 -6.27
C LEU B 77 -20.33 -17.22 -5.99
N ALA B 78 -20.71 -17.96 -4.94
CA ALA B 78 -19.99 -19.18 -4.57
C ALA B 78 -20.00 -20.19 -5.71
N ALA B 79 -21.13 -20.32 -6.41
CA ALA B 79 -21.22 -21.27 -7.52
C ALA B 79 -20.31 -20.85 -8.67
N ARG B 80 -20.28 -19.56 -8.99
CA ARG B 80 -19.32 -19.06 -9.98
CA ARG B 80 -19.31 -19.04 -9.97
C ARG B 80 -17.89 -19.47 -9.63
N LEU B 81 -17.57 -19.56 -8.34
CA LEU B 81 -16.21 -19.81 -7.88
C LEU B 81 -15.97 -21.26 -7.47
N ALA B 82 -16.84 -22.19 -7.87
CA ALA B 82 -16.67 -23.59 -7.48
C ALA B 82 -15.50 -24.27 -8.20
N ASP B 83 -15.04 -23.73 -9.32
CA ASP B 83 -13.84 -24.23 -9.98
C ASP B 83 -12.55 -23.65 -9.39
N ALA B 84 -12.64 -22.80 -8.37
CA ALA B 84 -11.43 -22.39 -7.68
C ALA B 84 -10.86 -23.57 -6.90
N ALA B 85 -9.61 -23.40 -6.42
CA ALA B 85 -8.99 -24.45 -5.61
C ALA B 85 -9.88 -24.82 -4.42
N HIS B 86 -10.52 -23.82 -3.83
CA HIS B 86 -11.51 -24.04 -2.78
C HIS B 86 -12.76 -23.25 -3.11
N GLU B 87 -13.90 -23.93 -3.12
CA GLU B 87 -15.16 -23.22 -3.31
C GLU B 87 -15.43 -22.36 -2.07
N PRO B 88 -15.77 -21.08 -2.23
CA PRO B 88 -15.99 -20.24 -1.06
C PRO B 88 -17.18 -20.71 -0.24
N VAL B 89 -16.98 -20.74 1.07
CA VAL B 89 -18.02 -21.12 2.03
C VAL B 89 -18.88 -19.90 2.33
N PHE B 90 -20.20 -20.07 2.27
CA PHE B 90 -21.12 -18.99 2.60
C PHE B 90 -21.96 -19.35 3.80
N VAL B 91 -22.01 -18.45 4.79
CA VAL B 91 -22.93 -18.56 5.92
C VAL B 91 -23.73 -17.26 6.01
N ALA B 92 -25.04 -17.37 5.99
CA ALA B 92 -25.88 -16.18 6.04
C ALA B 92 -25.96 -15.67 7.47
N CYS B 93 -25.75 -14.37 7.66
CA CYS B 93 -26.14 -13.82 8.95
C CYS B 93 -26.25 -12.30 8.88
N ASP B 94 -26.98 -11.76 9.85
CA ASP B 94 -27.13 -10.33 10.03
C ASP B 94 -26.05 -9.86 11.00
N LEU B 95 -25.10 -9.08 10.48
CA LEU B 95 -23.96 -8.62 11.26
C LEU B 95 -24.34 -7.64 12.36
N THR B 96 -25.58 -7.13 12.39
CA THR B 96 -25.99 -6.33 13.53
C THR B 96 -26.36 -7.19 14.73
N ASP B 97 -26.42 -8.52 14.54
CA ASP B 97 -26.74 -9.49 15.58
C ASP B 97 -25.43 -10.15 15.98
N ILE B 98 -24.84 -9.71 17.09
CA ILE B 98 -23.49 -10.16 17.42
C ILE B 98 -23.49 -11.65 17.77
N ALA B 99 -24.54 -12.13 18.42
CA ALA B 99 -24.66 -13.57 18.67
C ALA B 99 -24.68 -14.36 17.36
N ALA B 100 -25.45 -13.88 16.39
CA ALA B 100 -25.47 -14.55 15.08
C ALA B 100 -24.10 -14.46 14.41
N LEU B 101 -23.46 -13.30 14.49
CA LEU B 101 -22.13 -13.13 13.91
C LEU B 101 -21.13 -14.11 14.51
N ARG B 102 -21.12 -14.23 15.85
CA ARG B 102 -20.22 -15.19 16.49
C ARG B 102 -20.55 -16.62 16.09
N GLY B 103 -21.83 -16.96 16.04
CA GLY B 103 -22.20 -18.31 15.62
C GLY B 103 -21.76 -18.60 14.21
N ALA B 104 -21.89 -17.62 13.32
CA ALA B 104 -21.49 -17.82 11.93
C ALA B 104 -20.00 -18.04 11.82
N ILE B 105 -19.22 -17.29 12.60
CA ILE B 105 -17.77 -17.40 12.53
C ILE B 105 -17.33 -18.77 13.04
N GLU B 106 -17.92 -19.23 14.15
CA GLU B 106 -17.60 -20.56 14.65
C GLU B 106 -17.94 -21.62 13.63
N ALA B 107 -19.10 -21.49 12.97
CA ALA B 107 -19.47 -22.46 11.94
C ALA B 107 -18.48 -22.41 10.79
N ILE B 108 -18.00 -21.20 10.44
CA ILE B 108 -17.02 -21.06 9.38
C ILE B 108 -15.69 -21.70 9.78
N ARG B 109 -15.25 -21.46 11.01
CA ARG B 109 -14.00 -22.04 11.48
C ARG B 109 -14.01 -23.56 11.39
N ALA B 110 -15.16 -24.18 11.66
CA ALA B 110 -15.24 -25.63 11.58
C ALA B 110 -15.07 -26.14 10.16
N ARG B 111 -15.24 -25.28 9.16
CA ARG B 111 -15.18 -25.69 7.77
C ARG B 111 -13.88 -25.33 7.07
N ILE B 112 -13.29 -24.18 7.41
CA ILE B 112 -12.07 -23.72 6.76
C ILE B 112 -10.87 -23.69 7.69
N GLY B 113 -11.04 -24.08 8.95
CA GLY B 113 -9.95 -24.04 9.91
C GLY B 113 -9.75 -22.66 10.51
N PRO B 114 -8.69 -22.50 11.29
CA PRO B 114 -8.42 -21.21 11.96
C PRO B 114 -8.24 -20.06 10.97
N ILE B 115 -8.84 -18.91 11.32
CA ILE B 115 -8.88 -17.75 10.44
C ILE B 115 -7.52 -17.05 10.45
N ALA B 116 -6.92 -16.89 9.26
CA ALA B 116 -5.63 -16.23 9.13
C ALA B 116 -5.74 -14.80 8.64
N ALA B 117 -6.81 -14.46 7.92
CA ALA B 117 -7.03 -13.10 7.46
C ALA B 117 -8.51 -12.78 7.56
N LEU B 118 -8.81 -11.54 7.97
CA LEU B 118 -10.18 -11.05 8.10
C LEU B 118 -10.35 -9.75 7.34
N VAL B 119 -11.34 -9.68 6.49
CA VAL B 119 -11.68 -8.44 5.79
C VAL B 119 -13.04 -8.00 6.32
N ASN B 120 -13.06 -6.91 7.09
CA ASN B 120 -14.27 -6.34 7.68
C ASN B 120 -14.84 -5.34 6.69
N ASN B 121 -15.77 -5.81 5.85
CA ASN B 121 -16.18 -5.05 4.68
C ASN B 121 -17.62 -4.55 4.72
N ALA B 122 -18.54 -5.22 5.42
CA ALA B 122 -19.95 -4.88 5.29
C ALA B 122 -20.24 -3.48 5.80
N ALA B 123 -21.21 -2.80 5.17
CA ALA B 123 -21.56 -1.44 5.56
C ALA B 123 -22.92 -1.09 4.98
N ASN B 124 -23.41 0.08 5.36
CA ASN B 124 -24.68 0.59 4.83
C ASN B 124 -24.62 2.11 4.92
N ASP B 125 -24.48 2.78 3.78
CA ASP B 125 -24.34 4.24 3.72
C ASP B 125 -25.67 4.97 3.50
N VAL B 126 -26.78 4.42 4.00
CA VAL B 126 -28.09 5.01 3.74
C VAL B 126 -28.14 6.45 4.25
N ARG B 127 -28.61 7.35 3.40
CA ARG B 127 -28.59 8.78 3.73
C ARG B 127 -29.53 9.09 4.90
N HIS B 128 -29.18 10.13 5.65
CA HIS B 128 -30.03 10.58 6.74
C HIS B 128 -29.69 12.04 7.05
N ALA B 129 -30.72 12.86 7.20
CA ALA B 129 -30.54 14.25 7.60
C ALA B 129 -30.37 14.32 9.11
N ILE B 130 -29.64 15.35 9.57
CA ILE B 130 -29.35 15.49 10.99
C ILE B 130 -30.64 15.48 11.82
N ALA B 131 -31.63 16.26 11.38
CA ALA B 131 -32.86 16.41 12.16
C ALA B 131 -33.65 15.10 12.31
N ASP B 132 -33.43 14.12 11.44
CA ASP B 132 -34.25 12.91 11.45
C ASP B 132 -33.64 11.75 12.25
N VAL B 133 -32.39 11.87 12.70
CA VAL B 133 -31.75 10.77 13.41
C VAL B 133 -32.41 10.55 14.76
N THR B 134 -32.76 9.31 15.05
CA THR B 134 -33.27 8.88 16.33
C THR B 134 -32.20 8.10 17.08
N PRO B 135 -32.32 7.96 18.40
CA PRO B 135 -31.37 7.07 19.10
C PRO B 135 -31.31 5.68 18.47
N ASP B 136 -32.45 5.13 18.06
CA ASP B 136 -32.45 3.81 17.44
C ASP B 136 -31.75 3.84 16.08
N SER B 137 -32.00 4.87 15.28
CA SER B 137 -31.38 4.92 13.96
C SER B 137 -29.91 5.25 14.06
N PHE B 138 -29.50 6.03 15.08
CA PHE B 138 -28.08 6.16 15.38
C PHE B 138 -27.46 4.81 15.66
N ASP B 139 -28.06 4.05 16.60
CA ASP B 139 -27.49 2.78 17.01
C ASP B 139 -27.42 1.81 15.83
N ALA B 140 -28.45 1.81 14.97
CA ALA B 140 -28.46 0.90 13.82
C ALA B 140 -27.32 1.22 12.86
N CYS B 141 -27.05 2.50 12.66
CA CYS B 141 -25.96 2.89 11.78
C CYS B 141 -24.60 2.45 12.34
N ILE B 142 -24.38 2.70 13.64
CA ILE B 142 -23.17 2.20 14.29
C ILE B 142 -23.07 0.69 14.18
N ALA B 143 -24.20 -0.02 14.39
CA ALA B 143 -24.18 -1.47 14.41
C ALA B 143 -23.79 -2.04 13.05
N VAL B 144 -24.22 -1.40 11.96
CA VAL B 144 -24.00 -1.98 10.63
C VAL B 144 -22.70 -1.48 10.00
N ASN B 145 -22.15 -0.36 10.48
CA ASN B 145 -20.96 0.23 9.90
C ASN B 145 -19.69 0.12 10.75
N LEU B 146 -19.81 -0.04 12.06
CA LEU B 146 -18.62 -0.09 12.90
C LEU B 146 -18.60 -1.31 13.84
N ARG B 147 -19.72 -1.55 14.53
CA ARG B 147 -19.70 -2.47 15.66
C ARG B 147 -19.23 -3.88 15.25
N HIS B 148 -19.75 -4.39 14.14
CA HIS B 148 -19.40 -5.74 13.71
C HIS B 148 -17.92 -5.88 13.37
N GLN B 149 -17.27 -4.79 12.95
CA GLN B 149 -15.83 -4.84 12.71
C GLN B 149 -15.09 -5.22 13.98
N PHE B 150 -15.48 -4.64 15.11
CA PHE B 150 -14.83 -5.00 16.37
C PHE B 150 -15.07 -6.46 16.72
N PHE B 151 -16.33 -6.89 16.67
CA PHE B 151 -16.62 -8.23 17.20
C PHE B 151 -16.14 -9.33 16.28
N ALA B 152 -16.13 -9.09 14.97
CA ALA B 152 -15.51 -10.05 14.06
C ALA B 152 -14.03 -10.21 14.39
N ALA B 153 -13.33 -9.10 14.60
CA ALA B 153 -11.92 -9.16 14.97
C ALA B 153 -11.74 -9.87 16.30
N GLN B 154 -12.60 -9.56 17.28
CA GLN B 154 -12.55 -10.22 18.58
C GLN B 154 -12.62 -11.73 18.43
N ALA B 155 -13.43 -12.20 17.47
CA ALA B 155 -13.69 -13.63 17.33
C ALA B 155 -12.57 -14.38 16.62
N VAL B 156 -11.61 -13.68 16.02
CA VAL B 156 -10.56 -14.32 15.24
C VAL B 156 -9.18 -14.17 15.84
N ILE B 157 -9.03 -13.34 16.88
CA ILE B 157 -7.70 -13.03 17.40
C ILE B 157 -6.98 -14.29 17.86
N ASP B 158 -7.68 -15.17 18.57
CA ASP B 158 -7.01 -16.33 19.13
C ASP B 158 -6.51 -17.26 18.04
N ASP B 159 -7.25 -17.42 16.93
CA ASP B 159 -6.73 -18.18 15.80
C ASP B 159 -5.41 -17.57 15.30
N MET B 160 -5.39 -16.26 15.09
CA MET B 160 -4.20 -15.64 14.51
C MET B 160 -3.01 -15.71 15.48
N LYS B 161 -3.28 -15.53 16.77
CA LYS B 161 -2.23 -15.75 17.76
C LYS B 161 -1.66 -17.17 17.64
N ARG B 162 -2.55 -18.17 17.56
CA ARG B 162 -2.08 -19.55 17.47
C ARG B 162 -1.29 -19.78 16.19
N LEU B 163 -1.66 -19.10 15.10
CA LEU B 163 -0.97 -19.26 13.83
C LEU B 163 0.40 -18.60 13.82
N GLY B 164 0.72 -17.79 14.82
CA GLY B 164 1.91 -16.97 14.76
C GLY B 164 1.75 -15.66 14.03
N GLY B 165 0.54 -15.27 13.68
CA GLY B 165 0.30 -13.97 13.07
C GLY B 165 -0.97 -13.99 12.25
N GLY B 166 -1.22 -12.86 11.61
CA GLY B 166 -2.43 -12.70 10.81
C GLY B 166 -2.57 -11.27 10.33
N SER B 167 -3.65 -11.04 9.59
CA SER B 167 -3.94 -9.72 9.03
C SER B 167 -5.43 -9.42 9.12
N ILE B 168 -5.75 -8.25 9.66
CA ILE B 168 -7.12 -7.76 9.73
C ILE B 168 -7.21 -6.49 8.90
N VAL B 169 -8.16 -6.47 7.97
CA VAL B 169 -8.35 -5.36 7.04
C VAL B 169 -9.73 -4.76 7.32
N ASN B 170 -9.74 -3.54 7.84
CA ASN B 170 -10.98 -2.82 8.16
C ASN B 170 -11.30 -1.84 7.02
N LEU B 171 -12.52 -1.92 6.50
CA LEU B 171 -12.93 -1.05 5.40
C LEU B 171 -13.34 0.31 5.96
N GLY B 172 -12.61 1.34 5.57
CA GLY B 172 -12.92 2.74 5.87
C GLY B 172 -13.68 3.39 4.73
N SER B 173 -13.53 4.72 4.62
CA SER B 173 -14.22 5.50 3.59
C SER B 173 -13.58 6.88 3.46
N ILE B 174 -13.55 7.42 2.23
CA ILE B 174 -13.13 8.81 2.06
C ILE B 174 -14.28 9.79 2.30
N SER B 175 -15.49 9.29 2.55
CA SER B 175 -16.67 10.15 2.78
C SER B 175 -16.38 11.23 3.81
N TRP B 176 -15.93 10.82 5.01
CA TRP B 176 -15.67 11.80 6.06
C TRP B 176 -14.42 12.64 5.78
N MET B 177 -13.47 12.11 5.01
CA MET B 177 -12.30 12.90 4.63
C MET B 177 -12.70 14.07 3.73
N LEU B 178 -13.61 13.82 2.78
CA LEU B 178 -14.16 14.86 1.93
C LEU B 178 -15.21 15.72 2.63
N LYS B 179 -15.60 15.36 3.87
CA LYS B 179 -16.63 16.12 4.59
C LYS B 179 -17.93 16.12 3.80
N ASN B 180 -18.32 14.95 3.30
CA ASN B 180 -19.61 14.82 2.63
C ASN B 180 -20.76 15.05 3.63
N ALA B 181 -21.73 15.85 3.21
CA ALA B 181 -23.03 15.93 3.83
C ALA B 181 -23.86 14.69 3.51
N GLY B 182 -25.00 14.56 4.20
CA GLY B 182 -26.01 13.58 3.87
C GLY B 182 -26.01 12.32 4.72
N TYR B 183 -25.02 12.12 5.60
CA TYR B 183 -25.05 10.93 6.43
C TYR B 183 -24.08 11.04 7.60
N PRO B 184 -24.33 11.95 8.54
CA PRO B 184 -23.33 12.25 9.57
C PRO B 184 -22.99 11.08 10.49
N VAL B 185 -23.94 10.16 10.77
CA VAL B 185 -23.58 9.04 11.64
C VAL B 185 -22.73 8.04 10.88
N TYR B 186 -22.99 7.88 9.59
CA TYR B 186 -22.15 7.04 8.74
C TYR B 186 -20.72 7.56 8.70
N ALA B 187 -20.55 8.87 8.50
CA ALA B 187 -19.22 9.46 8.49
C ALA B 187 -18.51 9.27 9.83
N SER B 188 -19.25 9.39 10.95
CA SER B 188 -18.65 9.15 12.26
C SER B 188 -18.22 7.70 12.39
N ALA B 189 -19.08 6.77 12.00
CA ALA B 189 -18.79 5.35 12.09
C ALA B 189 -17.54 4.99 11.29
N LYS B 190 -17.36 5.60 10.12
CA LYS B 190 -16.22 5.24 9.29
C LYS B 190 -14.94 5.94 9.75
N ALA B 191 -15.03 7.15 10.28
CA ALA B 191 -13.88 7.75 10.94
C ALA B 191 -13.49 6.95 12.18
N ALA B 192 -14.47 6.39 12.88
CA ALA B 192 -14.20 5.54 14.06
C ALA B 192 -13.32 4.36 13.71
N VAL B 193 -13.40 3.86 12.47
CA VAL B 193 -12.57 2.73 12.04
C VAL B 193 -11.09 3.04 12.23
N GLN B 194 -10.71 4.32 12.07
CA GLN B 194 -9.32 4.75 12.30
C GLN B 194 -8.89 4.40 13.72
N GLY B 195 -9.70 4.79 14.71
CA GLY B 195 -9.35 4.51 16.10
C GLY B 195 -9.33 3.02 16.39
N LEU B 196 -10.28 2.28 15.81
CA LEU B 196 -10.33 0.83 15.98
C LEU B 196 -9.06 0.18 15.44
N THR B 197 -8.69 0.52 14.20
CA THR B 197 -7.50 -0.06 13.59
C THR B 197 -6.25 0.23 14.42
N ARG B 198 -6.10 1.48 14.87
CA ARG B 198 -4.87 1.85 15.57
C ARG B 198 -4.83 1.19 16.95
N ALA B 199 -5.98 1.13 17.66
CA ALA B 199 -5.97 0.48 18.97
C ALA B 199 -5.70 -1.02 18.83
N LEU B 200 -6.34 -1.69 17.87
CA LEU B 200 -6.08 -3.12 17.69
C LEU B 200 -4.63 -3.37 17.26
N ALA B 201 -4.10 -2.49 16.38
CA ALA B 201 -2.75 -2.69 15.88
C ALA B 201 -1.74 -2.65 17.01
N ARG B 202 -1.92 -1.74 17.96
CA ARG B 202 -1.01 -1.69 19.11
C ARG B 202 -1.10 -2.96 19.94
N GLU B 203 -2.32 -3.40 20.26
CA GLU B 203 -2.47 -4.56 21.13
C GLU B 203 -2.10 -5.85 20.45
N LEU B 204 -2.29 -5.96 19.14
CA LEU B 204 -2.17 -7.27 18.52
C LEU B 204 -0.84 -7.45 17.80
N GLY B 205 -0.13 -6.35 17.53
CA GLY B 205 1.19 -6.40 16.93
C GLY B 205 2.20 -7.26 17.66
N PRO B 206 2.21 -7.27 19.01
CA PRO B 206 3.10 -8.23 19.69
C PRO B 206 2.86 -9.68 19.29
N PHE B 207 1.73 -10.01 18.66
CA PHE B 207 1.45 -11.38 18.24
C PHE B 207 1.61 -11.58 16.73
N GLY B 208 2.21 -10.61 16.03
CA GLY B 208 2.36 -10.70 14.60
C GLY B 208 1.11 -10.42 13.82
N ILE B 209 0.12 -9.81 14.44
CA ILE B 209 -1.15 -9.48 13.81
C ILE B 209 -1.09 -8.03 13.34
N ARG B 210 -1.16 -7.82 12.03
CA ARG B 210 -1.30 -6.49 11.46
C ARG B 210 -2.76 -6.11 11.39
N VAL B 211 -3.06 -4.84 11.66
CA VAL B 211 -4.41 -4.30 11.49
C VAL B 211 -4.28 -3.02 10.68
N ASN B 212 -5.04 -2.93 9.58
CA ASN B 212 -4.97 -1.78 8.69
C ASN B 212 -6.37 -1.37 8.26
N THR B 213 -6.53 -0.09 7.99
CA THR B 213 -7.74 0.45 7.39
C THR B 213 -7.53 0.55 5.89
N LEU B 214 -8.42 -0.07 5.11
CA LEU B 214 -8.38 0.06 3.66
C LEU B 214 -9.46 1.08 3.26
N VAL B 215 -9.05 2.18 2.64
CA VAL B 215 -9.95 3.30 2.35
C VAL B 215 -10.23 3.41 0.86
N PRO B 216 -11.41 3.03 0.37
CA PRO B 216 -11.70 3.19 -1.05
C PRO B 216 -12.20 4.59 -1.38
N GLY B 217 -11.97 4.99 -2.63
CA GLY B 217 -12.63 6.14 -3.20
C GLY B 217 -14.01 5.74 -3.70
N TRP B 218 -14.51 6.44 -4.71
CA TRP B 218 -15.82 6.09 -5.24
C TRP B 218 -15.65 4.93 -6.22
N VAL B 219 -16.01 3.73 -5.77
CA VAL B 219 -15.80 2.50 -6.53
C VAL B 219 -17.03 2.19 -7.37
N MET B 220 -16.78 1.81 -8.62
CA MET B 220 -17.85 1.47 -9.56
C MET B 220 -18.26 0.02 -9.37
N THR B 221 -18.91 -0.23 -8.23
CA THR B 221 -19.58 -1.49 -8.05
C THR B 221 -20.78 -1.56 -8.99
N ASP B 222 -21.33 -2.77 -9.16
CA ASP B 222 -22.53 -2.92 -9.95
C ASP B 222 -23.67 -2.05 -9.42
N LYS B 223 -23.84 -2.00 -8.09
CA LYS B 223 -24.89 -1.16 -7.53
C LYS B 223 -24.64 0.33 -7.83
N GLN B 224 -23.42 0.81 -7.64
CA GLN B 224 -23.14 2.23 -7.90
C GLN B 224 -23.37 2.59 -9.36
N ARG B 225 -23.04 1.68 -10.29
CA ARG B 225 -23.26 1.93 -11.71
C ARG B 225 -24.73 2.01 -12.04
N ARG B 226 -25.52 1.08 -11.51
CA ARG B 226 -26.92 0.95 -11.89
C ARG B 226 -27.79 2.02 -11.25
N LEU B 227 -27.47 2.45 -10.04
CA LEU B 227 -28.34 3.36 -9.30
C LEU B 227 -27.86 4.80 -9.25
N TRP B 228 -26.56 5.04 -9.17
CA TRP B 228 -26.06 6.33 -8.69
C TRP B 228 -25.14 7.08 -9.66
N LEU B 229 -24.62 6.44 -10.70
CA LEU B 229 -23.66 7.09 -11.58
C LEU B 229 -24.42 7.80 -12.69
N ASP B 230 -24.34 9.13 -12.70
CA ASP B 230 -24.89 9.90 -13.81
C ASP B 230 -23.84 10.93 -14.23
N ASP B 231 -24.24 11.84 -15.14
CA ASP B 231 -23.30 12.83 -15.67
C ASP B 231 -22.65 13.66 -14.57
N ALA B 232 -23.43 14.10 -13.59
CA ALA B 232 -22.86 14.89 -12.51
C ALA B 232 -21.91 14.04 -11.66
N GLY B 233 -22.27 12.78 -11.44
CA GLY B 233 -21.35 11.87 -10.76
C GLY B 233 -20.02 11.76 -11.49
N ARG B 234 -20.08 11.47 -12.79
CA ARG B 234 -18.85 11.35 -13.57
C ARG B 234 -18.03 12.63 -13.52
N ALA B 235 -18.70 13.79 -13.58
CA ALA B 235 -17.97 15.06 -13.53
C ALA B 235 -17.35 15.29 -12.16
N ALA B 236 -18.05 14.90 -11.09
CA ALA B 236 -17.47 14.99 -9.75
C ALA B 236 -16.25 14.09 -9.62
N ILE B 237 -16.30 12.90 -10.21
CA ILE B 237 -15.17 11.99 -10.14
C ILE B 237 -13.97 12.56 -10.88
N LYS B 238 -14.22 13.09 -12.08
CA LYS B 238 -13.12 13.62 -12.89
C LYS B 238 -12.42 14.79 -12.20
N ALA B 239 -13.18 15.69 -11.58
CA ALA B 239 -12.57 16.84 -10.91
C ALA B 239 -11.83 16.41 -9.64
N GLY B 240 -12.38 15.45 -8.90
CA GLY B 240 -11.77 15.04 -7.65
C GLY B 240 -10.53 14.18 -7.80
N GLN B 241 -10.64 13.08 -8.53
CA GLN B 241 -9.51 12.19 -8.71
C GLN B 241 -8.42 12.87 -9.53
N CYS B 242 -7.17 12.55 -9.21
CA CYS B 242 -6.05 12.99 -10.03
C CYS B 242 -6.05 12.25 -11.37
N ILE B 243 -6.48 10.99 -11.37
CA ILE B 243 -6.50 10.14 -12.56
C ILE B 243 -7.94 10.08 -13.07
N ASP B 244 -8.10 10.40 -14.36
CA ASP B 244 -9.42 10.40 -14.99
C ASP B 244 -9.71 9.00 -15.55
N ALA B 245 -9.99 8.09 -14.63
CA ALA B 245 -10.37 6.73 -14.99
C ALA B 245 -11.26 6.19 -13.87
N GLU B 246 -11.88 5.05 -14.15
CA GLU B 246 -12.82 4.44 -13.23
C GLU B 246 -12.09 3.68 -12.13
N LEU B 247 -12.43 3.99 -10.88
CA LEU B 247 -12.01 3.16 -9.75
C LEU B 247 -12.91 1.94 -9.71
N LEU B 248 -12.30 0.77 -9.73
CA LEU B 248 -13.02 -0.48 -9.86
C LEU B 248 -12.87 -1.32 -8.61
N PRO B 249 -13.80 -2.25 -8.37
CA PRO B 249 -13.63 -3.14 -7.21
C PRO B 249 -12.29 -3.87 -7.20
N GLY B 250 -11.80 -4.30 -8.37
CA GLY B 250 -10.52 -4.96 -8.43
C GLY B 250 -9.35 -4.13 -7.90
N ASP B 251 -9.40 -2.80 -8.09
CA ASP B 251 -8.35 -1.95 -7.53
C ASP B 251 -8.27 -2.11 -6.01
N LEU B 252 -9.43 -2.23 -5.35
CA LEU B 252 -9.44 -2.45 -3.92
C LEU B 252 -9.07 -3.87 -3.56
N ALA B 253 -9.58 -4.85 -4.32
CA ALA B 253 -9.32 -6.25 -4.02
C ALA B 253 -7.81 -6.55 -4.07
N ARG B 254 -7.12 -6.05 -5.09
CA ARG B 254 -5.68 -6.31 -5.17
C ARG B 254 -4.95 -5.74 -3.96
N MET B 255 -5.34 -4.55 -3.52
CA MET B 255 -4.69 -4.00 -2.33
C MET B 255 -4.93 -4.88 -1.11
N ALA B 256 -6.15 -5.41 -0.97
CA ALA B 256 -6.44 -6.32 0.13
C ALA B 256 -5.60 -7.58 0.06
N LEU B 257 -5.37 -8.11 -1.16
CA LEU B 257 -4.53 -9.30 -1.31
C LEU B 257 -3.14 -9.05 -0.75
N PHE B 258 -2.53 -7.92 -1.15
CA PHE B 258 -1.20 -7.55 -0.66
C PHE B 258 -1.20 -7.39 0.86
N LEU B 259 -2.26 -6.79 1.41
CA LEU B 259 -2.32 -6.56 2.86
C LEU B 259 -2.51 -7.86 3.65
N ALA B 260 -3.17 -8.86 3.05
CA ALA B 260 -3.35 -10.15 3.70
C ALA B 260 -2.20 -11.11 3.44
N ALA B 261 -1.39 -10.87 2.41
CA ALA B 261 -0.29 -11.78 2.07
C ALA B 261 0.92 -11.49 2.97
N ASP B 262 1.87 -12.44 2.97
CA ASP B 262 3.10 -12.24 3.74
C ASP B 262 3.88 -11.01 3.28
N ASP B 263 3.62 -10.52 2.06
CA ASP B 263 4.38 -9.42 1.49
C ASP B 263 4.32 -8.14 2.33
N SER B 264 3.31 -8.00 3.18
CA SER B 264 3.06 -6.77 3.92
C SER B 264 3.23 -6.97 5.42
N ARG B 265 4.17 -7.84 5.81
CA ARG B 265 4.30 -8.28 7.20
C ARG B 265 4.54 -7.13 8.17
N MET B 266 5.13 -6.02 7.71
CA MET B 266 5.46 -4.93 8.61
C MET B 266 4.58 -3.70 8.39
N ILE B 267 3.51 -3.82 7.61
CA ILE B 267 2.58 -2.72 7.39
C ILE B 267 1.42 -2.93 8.36
N THR B 268 1.29 -2.02 9.32
CA THR B 268 0.17 -2.10 10.26
C THR B 268 -0.13 -0.70 10.76
N ALA B 269 -1.36 -0.54 11.27
CA ALA B 269 -1.91 0.72 11.76
C ALA B 269 -2.05 1.80 10.69
N GLN B 270 -2.15 1.40 9.42
CA GLN B 270 -2.18 2.36 8.30
C GLN B 270 -3.59 2.61 7.78
N ASP B 271 -3.78 3.80 7.17
CA ASP B 271 -4.96 4.13 6.38
C ASP B 271 -4.55 4.03 4.91
N VAL B 272 -4.81 2.87 4.31
CA VAL B 272 -4.33 2.56 2.98
C VAL B 272 -5.41 3.00 1.99
N VAL B 273 -5.15 4.10 1.27
CA VAL B 273 -6.18 4.77 0.46
C VAL B 273 -6.00 4.36 -0.99
N VAL B 274 -7.06 3.86 -1.59
CA VAL B 274 -7.09 3.47 -3.01
C VAL B 274 -8.24 4.26 -3.63
N ASP B 275 -7.94 5.44 -4.19
CA ASP B 275 -9.03 6.33 -4.60
C ASP B 275 -8.71 7.20 -5.81
N GLY B 276 -7.70 6.87 -6.60
CA GLY B 276 -7.38 7.73 -7.73
C GLY B 276 -6.87 9.11 -7.37
N GLY B 277 -6.49 9.35 -6.11
CA GLY B 277 -5.95 10.63 -5.72
C GLY B 277 -6.96 11.68 -5.29
N TRP B 278 -8.20 11.27 -4.96
CA TRP B 278 -9.25 12.23 -4.65
C TRP B 278 -9.07 12.84 -3.26
N ALA B 279 -9.14 12.02 -2.22
CA ALA B 279 -9.22 12.52 -0.85
C ALA B 279 -7.92 13.14 -0.35
#